data_7PDA
#
_entry.id   7PDA
#
_cell.length_a   124.696
_cell.length_b   124.696
_cell.length_c   68.846
_cell.angle_alpha   90.000
_cell.angle_beta   90.000
_cell.angle_gamma   120.000
#
_symmetry.space_group_name_H-M   'P 3 1 2'
#
loop_
_entity.id
_entity.type
_entity.pdbx_description
1 polymer 'UbiD family decarboxylase'
2 polymer UNK
3 non-polymer 'MANGANESE (II) ION'
4 non-polymer '1-deoxy-5-O-phosphono-1-(3,3,4,5-tetramethyl-9,11-dioxo-2,3,8,9,10,11-hexahydro-7H-quinolino[1,8-fg]pteridin-12-ium-7-y l)-D-ribitol'
5 non-polymer 'SODIUM ION'
6 water water
#
loop_
_entity_poly.entity_id
_entity_poly.type
_entity_poly.pdbx_seq_one_letter_code
_entity_poly.pdbx_strand_id
1 'polypeptide(L)'
;MAVFRDLRHYIDTLTEKLGADEVQTIKGANWDLEIGCITELSAEKEGPALLFDDIPGYPSGHRVFTNFMGTVSRCAVALG
LPADTSAMDIIRAWKDLGKRIEPIPPVEVSEGAILENVLEGDDVDLEMFPTPRWHDGDGGRYIGTACMVITRDPDTGWVN
VGTYRGCVQGKDRLSLWMLGNRHALAIAKKYWDRGTACPIAVVVGCDPILTTAAAIAAPSGVCEYDVAGGLRGVGVEVIS
APGTGLPIPANAEIVFEGEMPPVEEESVHEGPFGEWTGYFTHAGDETVVRVQRILHRDSPIILGAPPMIPTVPAGDQAVP
LYSASVTWDHLEASGVQNIKGVWAYARQLMMVISIEQTGAGDAMHALLAAAGRKRTGGVDRYFVVVDEDIDITDINHVLW
ALFTRVDPAESIHVLRTPTTAIDPRLSPAKREAGDMSMGIVLIDACKPFAWKDSYPRANRFDEPYRAEIRDRWKATLPL
;
A
2 'polypeptide(L)' (UNK)(UNK)(UNK)(UNK)(UNK) B
#
loop_
_chem_comp.id
_chem_comp.type
_chem_comp.name
_chem_comp.formula
4LU non-polymer '1-deoxy-5-O-phosphono-1-(3,3,4,5-tetramethyl-9,11-dioxo-2,3,8,9,10,11-hexahydro-7H-quinolino[1,8-fg]pteridin-12-ium-7-y l)-D-ribitol' 'C22 H30 N4 O9 P 1'
MN non-polymer 'MANGANESE (II) ION' 'Mn 2'
NA non-polymer 'SODIUM ION' 'Na 1'
#
# COMPACT_ATOMS: atom_id res chain seq x y z
N VAL A 3 -11.60 -10.57 6.76
CA VAL A 3 -13.11 -10.65 6.41
C VAL A 3 -13.98 -9.69 7.24
N PHE A 4 -14.11 -8.46 6.73
CA PHE A 4 -14.81 -7.36 7.39
C PHE A 4 -16.08 -7.02 6.63
N ARG A 5 -17.08 -6.53 7.37
CA ARG A 5 -18.37 -6.13 6.81
C ARG A 5 -18.20 -4.81 6.05
N ASP A 6 -17.33 -3.96 6.60
CA ASP A 6 -17.11 -2.57 6.22
C ASP A 6 -16.05 -1.97 7.15
N LEU A 7 -15.58 -0.77 6.82
CA LEU A 7 -14.59 -0.01 7.60
C LEU A 7 -14.82 -0.05 9.12
N ARG A 8 -16.07 -0.02 9.53
CA ARG A 8 -16.40 0.15 10.93
C ARG A 8 -16.22 -1.18 11.66
N HIS A 9 -16.45 -2.28 10.94
CA HIS A 9 -16.22 -3.61 11.48
C HIS A 9 -14.69 -3.73 11.71
N TYR A 10 -13.92 -3.16 10.76
CA TYR A 10 -12.47 -3.21 10.84
C TYR A 10 -11.96 -2.42 12.05
N ILE A 11 -12.50 -1.21 12.27
CA ILE A 11 -12.01 -0.39 13.36
C ILE A 11 -12.26 -1.09 14.70
N ASP A 12 -13.54 -1.41 14.95
CA ASP A 12 -13.96 -2.35 15.98
C ASP A 12 -13.00 -3.52 16.20
N THR A 13 -12.70 -4.26 15.12
CA THR A 13 -11.86 -5.44 15.20
C THR A 13 -10.51 -5.08 15.79
N LEU A 14 -10.02 -3.89 15.42
CA LEU A 14 -8.75 -3.37 15.85
C LEU A 14 -8.79 -3.17 17.36
N THR A 15 -9.88 -2.53 17.87
CA THR A 15 -9.96 -2.20 19.28
C THR A 15 -10.33 -3.42 20.10
N GLU A 16 -11.00 -4.42 19.51
CA GLU A 16 -11.26 -5.72 20.12
C GLU A 16 -9.94 -6.44 20.36
N LYS A 17 -9.08 -6.52 19.35
CA LYS A 17 -7.88 -7.33 19.43
C LYS A 17 -6.75 -6.56 20.11
N LEU A 18 -6.86 -5.22 20.19
CA LEU A 18 -5.68 -4.49 20.64
C LEU A 18 -5.92 -3.57 21.85
N GLY A 19 -7.16 -3.49 22.36
CA GLY A 19 -7.52 -2.49 23.37
C GLY A 19 -8.12 -1.24 22.70
N ALA A 20 -8.83 -0.39 23.47
CA ALA A 20 -9.55 0.75 22.89
C ALA A 20 -8.58 1.87 22.49
N ASP A 21 -7.30 1.67 22.83
CA ASP A 21 -6.21 2.59 22.61
C ASP A 21 -5.68 2.44 21.20
N GLU A 22 -5.96 1.30 20.55
CA GLU A 22 -5.34 1.00 19.26
C GLU A 22 -5.77 1.97 18.16
N VAL A 23 -7.02 2.48 18.23
CA VAL A 23 -7.54 3.54 17.36
C VAL A 23 -7.90 4.70 18.27
N GLN A 24 -7.51 5.92 17.87
CA GLN A 24 -7.81 7.08 18.69
C GLN A 24 -8.47 8.16 17.81
N THR A 25 -9.55 8.77 18.31
CA THR A 25 -10.32 9.76 17.60
C THR A 25 -9.80 11.17 17.89
N ILE A 26 -9.51 11.93 16.82
CA ILE A 26 -8.88 13.22 16.97
C ILE A 26 -9.88 14.29 16.54
N LYS A 27 -10.13 15.25 17.45
CA LYS A 27 -11.13 16.30 17.24
C LYS A 27 -10.46 17.65 16.98
N GLY A 28 -10.92 18.34 15.92
CA GLY A 28 -10.50 19.71 15.62
C GLY A 28 -9.12 19.85 14.96
N ALA A 29 -8.59 18.81 14.31
CA ALA A 29 -7.53 19.10 13.37
C ALA A 29 -8.11 19.52 12.01
N ASN A 30 -7.35 20.36 11.27
CA ASN A 30 -7.76 20.94 9.99
C ASN A 30 -7.30 20.10 8.82
N TRP A 31 -8.14 20.07 7.77
CA TRP A 31 -7.76 19.35 6.55
C TRP A 31 -6.49 19.90 5.91
N ASP A 32 -6.22 21.20 6.09
CA ASP A 32 -5.10 21.83 5.39
C ASP A 32 -3.83 21.54 6.17
N LEU A 33 -3.03 20.57 5.71
CA LEU A 33 -1.69 20.31 6.23
C LEU A 33 -1.75 19.62 7.58
N GLU A 34 -2.64 20.09 8.45
CA GLU A 34 -2.58 19.71 9.84
C GLU A 34 -2.81 18.21 10.05
N ILE A 35 -3.87 17.65 9.46
CA ILE A 35 -4.15 16.21 9.47
C ILE A 35 -2.94 15.43 8.94
N GLY A 36 -2.40 15.86 7.81
CA GLY A 36 -1.33 15.13 7.16
C GLY A 36 -0.10 15.08 8.06
N CYS A 37 0.13 16.21 8.73
CA CYS A 37 1.36 16.38 9.46
C CYS A 37 1.32 15.54 10.72
N ILE A 38 0.11 15.47 11.33
CA ILE A 38 -0.16 14.59 12.46
C ILE A 38 0.03 13.12 12.06
N THR A 39 -0.52 12.73 10.90
CA THR A 39 -0.46 11.39 10.38
C THR A 39 1.02 10.99 10.23
N GLU A 40 1.83 11.97 9.82
CA GLU A 40 3.18 11.64 9.46
C GLU A 40 4.00 11.40 10.72
N LEU A 41 3.76 12.23 11.73
CA LEU A 41 4.55 12.12 12.93
C LEU A 41 4.06 10.90 13.69
N SER A 42 2.73 10.66 13.65
CA SER A 42 2.18 9.57 14.46
C SER A 42 2.64 8.28 13.85
N ALA A 43 2.73 8.29 12.50
CA ALA A 43 3.19 7.13 11.78
C ALA A 43 4.64 6.80 12.16
N GLU A 44 5.48 7.85 12.28
CA GLU A 44 6.90 7.66 12.58
C GLU A 44 7.01 7.01 13.95
N LYS A 45 6.09 7.38 14.85
CA LYS A 45 6.16 6.93 16.22
C LYS A 45 5.25 5.72 16.40
N GLU A 46 4.75 5.16 15.31
CA GLU A 46 3.93 3.96 15.42
C GLU A 46 2.88 4.19 16.50
N GLY A 47 2.23 5.35 16.43
CA GLY A 47 1.11 5.65 17.31
C GLY A 47 -0.11 4.80 16.98
N PRO A 48 -1.28 5.18 17.55
CA PRO A 48 -2.57 4.58 17.18
C PRO A 48 -2.98 4.89 15.75
N ALA A 49 -3.87 4.07 15.21
CA ALA A 49 -4.53 4.42 13.99
C ALA A 49 -5.41 5.61 14.36
N LEU A 50 -5.36 6.62 13.49
CA LEU A 50 -5.98 7.92 13.71
C LEU A 50 -7.30 8.01 12.95
N LEU A 51 -8.36 8.38 13.71
CA LEU A 51 -9.71 8.64 13.22
C LEU A 51 -10.04 10.12 13.45
N PHE A 52 -10.05 10.91 12.38
CA PHE A 52 -10.13 12.37 12.48
C PHE A 52 -11.58 12.80 12.43
N ASP A 53 -12.00 13.50 13.48
CA ASP A 53 -13.37 13.98 13.59
C ASP A 53 -13.47 15.49 13.86
N ASP A 54 -14.70 16.01 13.74
CA ASP A 54 -15.01 17.41 13.99
C ASP A 54 -13.94 18.25 13.30
N ILE A 55 -13.83 18.04 12.00
CA ILE A 55 -12.90 18.83 11.22
C ILE A 55 -13.55 20.20 10.92
N PRO A 56 -12.87 21.31 11.33
CA PRO A 56 -13.43 22.66 11.23
C PRO A 56 -13.87 23.03 9.81
N GLY A 57 -15.16 23.41 9.66
CA GLY A 57 -15.84 23.68 8.41
C GLY A 57 -16.69 22.49 7.96
N TYR A 58 -16.56 21.36 8.66
CA TYR A 58 -17.18 20.10 8.27
C TYR A 58 -18.10 19.59 9.38
N PRO A 59 -19.28 19.08 8.99
CA PRO A 59 -20.15 18.29 9.90
C PRO A 59 -19.52 17.10 10.66
N SER A 60 -20.00 16.82 11.88
CA SER A 60 -19.52 15.69 12.68
C SER A 60 -19.79 14.38 11.95
N GLY A 61 -18.87 13.41 12.16
CA GLY A 61 -18.92 12.11 11.52
C GLY A 61 -18.32 12.13 10.12
N HIS A 62 -18.26 13.30 9.48
CA HIS A 62 -17.41 13.50 8.31
C HIS A 62 -15.95 13.30 8.74
N ARG A 63 -15.43 12.10 8.53
CA ARG A 63 -14.20 11.75 9.22
C ARG A 63 -13.06 11.41 8.25
N VAL A 64 -11.81 11.35 8.75
CA VAL A 64 -10.70 10.81 7.97
C VAL A 64 -9.99 9.70 8.75
N PHE A 65 -9.72 8.58 8.10
CA PHE A 65 -9.03 7.53 8.85
C PHE A 65 -7.65 7.27 8.23
N THR A 66 -6.56 7.52 8.98
CA THR A 66 -5.20 7.28 8.49
C THR A 66 -4.43 6.30 9.37
N ASN A 67 -3.28 5.84 8.86
CA ASN A 67 -2.39 5.00 9.65
C ASN A 67 -3.14 3.75 10.08
N PHE A 68 -4.02 3.26 9.19
CA PHE A 68 -5.00 2.27 9.60
C PHE A 68 -4.39 0.86 9.58
N MET A 69 -3.22 0.74 8.96
CA MET A 69 -2.51 -0.51 8.91
C MET A 69 -1.00 -0.24 9.01
N GLY A 70 -0.66 0.76 9.83
CA GLY A 70 0.70 1.29 9.93
C GLY A 70 1.51 0.65 11.04
N THR A 71 1.19 -0.62 11.39
CA THR A 71 1.89 -1.43 12.37
C THR A 71 1.90 -2.89 11.96
N VAL A 72 2.87 -3.67 12.45
CA VAL A 72 2.90 -5.11 12.25
C VAL A 72 1.62 -5.73 12.79
N SER A 73 1.27 -5.41 14.04
CA SER A 73 0.19 -6.10 14.73
C SER A 73 -1.16 -5.82 14.08
N ARG A 74 -1.19 -4.73 13.30
CA ARG A 74 -2.39 -4.20 12.67
C ARG A 74 -2.58 -4.99 11.39
N CYS A 75 -1.47 -5.21 10.68
CA CYS A 75 -1.44 -6.00 9.45
C CYS A 75 -1.90 -7.41 9.72
N ALA A 76 -1.58 -7.88 10.94
CA ALA A 76 -1.97 -9.22 11.35
C ALA A 76 -3.48 -9.25 11.55
N VAL A 77 -4.03 -8.35 12.39
CA VAL A 77 -5.48 -8.27 12.52
C VAL A 77 -6.18 -8.18 11.15
N ALA A 78 -5.77 -7.23 10.30
CA ALA A 78 -6.28 -7.03 8.95
C ALA A 78 -6.25 -8.32 8.14
N LEU A 79 -5.14 -9.04 8.17
CA LEU A 79 -5.02 -10.37 7.57
C LEU A 79 -5.75 -11.45 8.37
N GLY A 80 -6.44 -11.04 9.45
CA GLY A 80 -7.07 -11.94 10.40
C GLY A 80 -6.17 -13.12 10.82
N LEU A 81 -4.99 -12.82 11.40
CA LEU A 81 -4.17 -13.79 12.13
C LEU A 81 -4.09 -13.28 13.56
N PRO A 82 -3.66 -14.12 14.55
CA PRO A 82 -3.42 -13.65 15.91
C PRO A 82 -2.74 -12.29 16.01
N ALA A 83 -3.32 -11.43 16.86
CA ALA A 83 -2.88 -10.05 16.91
C ALA A 83 -1.38 -9.99 17.07
N ASP A 84 -0.78 -11.05 17.60
CA ASP A 84 0.60 -11.02 18.07
C ASP A 84 1.52 -11.84 17.13
N THR A 85 1.05 -12.10 15.89
CA THR A 85 1.80 -12.86 14.91
C THR A 85 3.04 -12.08 14.54
N SER A 86 4.19 -12.78 14.45
CA SER A 86 5.45 -12.08 14.19
C SER A 86 5.45 -11.44 12.78
N ALA A 87 6.30 -10.42 12.58
CA ALA A 87 6.39 -9.77 11.28
C ALA A 87 6.67 -10.81 10.21
N MET A 88 7.64 -11.70 10.46
CA MET A 88 8.03 -12.67 9.45
C MET A 88 6.96 -13.75 9.30
N ASP A 89 6.22 -14.04 10.38
CA ASP A 89 5.12 -14.98 10.24
C ASP A 89 4.06 -14.47 9.27
N ILE A 90 3.71 -13.16 9.35
CA ILE A 90 2.82 -12.53 8.40
C ILE A 90 3.32 -12.76 6.98
N ILE A 91 4.62 -12.61 6.74
CA ILE A 91 5.18 -12.80 5.41
C ILE A 91 4.91 -14.24 4.98
N ARG A 92 5.30 -15.19 5.83
CA ARG A 92 5.13 -16.63 5.60
C ARG A 92 3.67 -16.89 5.25
N ALA A 93 2.77 -16.18 5.93
CA ALA A 93 1.35 -16.41 5.73
C ALA A 93 0.95 -15.88 4.35
N TRP A 94 1.20 -14.60 4.12
CA TRP A 94 0.92 -13.95 2.84
C TRP A 94 1.41 -14.82 1.68
N LYS A 95 2.64 -15.35 1.83
CA LYS A 95 3.39 -15.95 0.73
C LYS A 95 2.62 -17.19 0.29
N ASP A 96 2.02 -17.85 1.30
CA ASP A 96 1.44 -19.17 1.20
C ASP A 96 -0.04 -19.08 0.83
N LEU A 97 -0.70 -17.99 1.27
CA LEU A 97 -2.02 -17.57 0.79
C LEU A 97 -1.97 -17.42 -0.72
N GLY A 98 -0.98 -16.66 -1.19
CA GLY A 98 -0.68 -16.53 -2.61
C GLY A 98 -0.89 -17.81 -3.41
N LYS A 99 -0.59 -18.97 -2.81
CA LYS A 99 -0.56 -20.24 -3.52
C LYS A 99 -1.89 -20.99 -3.48
N ARG A 100 -2.73 -20.75 -2.45
CA ARG A 100 -3.99 -21.47 -2.24
C ARG A 100 -5.23 -20.61 -2.50
N ILE A 101 -5.12 -19.45 -3.18
CA ILE A 101 -6.32 -18.63 -3.38
C ILE A 101 -6.85 -18.78 -4.81
N GLU A 102 -8.14 -19.14 -4.91
CA GLU A 102 -8.83 -19.01 -6.18
C GLU A 102 -9.75 -17.80 -6.12
N PRO A 103 -9.88 -17.03 -7.23
CA PRO A 103 -11.02 -16.14 -7.48
C PRO A 103 -12.37 -16.59 -6.88
N ILE A 104 -12.88 -15.80 -5.94
CA ILE A 104 -14.26 -15.98 -5.50
C ILE A 104 -15.00 -14.72 -5.93
N PRO A 105 -15.99 -14.81 -6.84
CA PRO A 105 -16.61 -13.59 -7.40
C PRO A 105 -17.36 -12.75 -6.35
N PRO A 106 -17.71 -11.47 -6.64
CA PRO A 106 -18.57 -10.70 -5.72
C PRO A 106 -20.03 -11.23 -5.64
N VAL A 107 -20.66 -11.07 -4.46
CA VAL A 107 -22.03 -11.47 -4.17
C VAL A 107 -22.94 -10.24 -4.32
N GLU A 108 -23.98 -10.40 -5.16
CA GLU A 108 -24.79 -9.32 -5.71
C GLU A 108 -25.34 -8.39 -4.63
N VAL A 109 -26.11 -8.94 -3.67
CA VAL A 109 -26.67 -8.13 -2.59
C VAL A 109 -27.49 -6.91 -3.09
N SER A 110 -28.56 -6.57 -2.33
CA SER A 110 -29.66 -5.71 -2.74
C SER A 110 -29.66 -4.36 -2.01
N GLU A 111 -29.24 -4.36 -0.72
CA GLU A 111 -29.25 -3.21 0.18
C GLU A 111 -27.83 -2.93 0.68
N GLY A 112 -27.59 -1.69 1.17
CA GLY A 112 -26.30 -1.41 1.80
C GLY A 112 -26.07 0.06 2.12
N ALA A 113 -25.13 0.30 3.05
CA ALA A 113 -24.97 1.60 3.71
C ALA A 113 -24.59 2.70 2.73
N ILE A 114 -23.99 2.31 1.59
CA ILE A 114 -23.58 3.24 0.56
C ILE A 114 -24.78 4.05 0.04
N LEU A 115 -26.01 3.57 0.23
CA LEU A 115 -27.20 4.25 -0.30
C LEU A 115 -27.86 5.18 0.72
N GLU A 116 -27.14 5.62 1.74
CA GLU A 116 -27.83 6.51 2.67
C GLU A 116 -27.87 7.92 2.13
N ASN A 117 -26.87 8.34 1.36
CA ASN A 117 -26.87 9.67 0.80
C ASN A 117 -26.36 9.62 -0.63
N VAL A 118 -27.26 9.87 -1.60
CA VAL A 118 -26.90 9.88 -3.01
C VAL A 118 -27.11 11.31 -3.48
N LEU A 119 -26.18 11.83 -4.30
CA LEU A 119 -26.20 13.22 -4.71
C LEU A 119 -26.00 13.33 -6.22
N GLU A 120 -26.93 14.04 -6.91
CA GLU A 120 -27.03 14.07 -8.37
C GLU A 120 -27.16 15.51 -8.91
N GLY A 121 -26.78 15.69 -10.18
CA GLY A 121 -26.62 16.98 -10.83
C GLY A 121 -26.09 18.02 -9.86
N ASP A 122 -26.96 18.89 -9.36
CA ASP A 122 -26.41 20.10 -8.74
C ASP A 122 -25.83 19.81 -7.37
N ASP A 123 -26.35 18.76 -6.73
CA ASP A 123 -26.02 18.40 -5.36
C ASP A 123 -24.60 17.84 -5.25
N VAL A 124 -23.96 17.50 -6.39
CA VAL A 124 -22.63 16.93 -6.51
C VAL A 124 -21.54 17.95 -6.14
N ASP A 125 -21.11 17.99 -4.87
CA ASP A 125 -20.09 18.95 -4.48
C ASP A 125 -18.94 18.23 -3.75
N LEU A 126 -17.82 18.01 -4.47
CA LEU A 126 -16.72 17.23 -3.91
C LEU A 126 -16.18 17.93 -2.68
N GLU A 127 -16.41 19.26 -2.61
CA GLU A 127 -15.79 20.03 -1.56
C GLU A 127 -16.50 19.72 -0.25
N MET A 128 -17.68 19.10 -0.34
CA MET A 128 -18.37 18.58 0.85
C MET A 128 -17.50 17.69 1.76
N PHE A 129 -16.46 17.02 1.23
CA PHE A 129 -15.69 16.15 2.13
C PHE A 129 -14.52 16.90 2.71
N PRO A 130 -14.20 16.58 3.98
CA PRO A 130 -13.04 17.16 4.66
C PRO A 130 -11.70 16.61 4.17
N THR A 131 -11.51 16.58 2.83
CA THR A 131 -10.29 16.10 2.20
C THR A 131 -9.10 16.95 2.66
N PRO A 132 -8.02 16.30 3.15
CA PRO A 132 -6.86 17.04 3.61
C PRO A 132 -6.07 17.45 2.37
N ARG A 133 -5.27 18.49 2.50
CA ARG A 133 -4.10 18.70 1.65
C ARG A 133 -2.97 18.08 2.45
N TRP A 134 -2.56 16.87 2.03
CA TRP A 134 -1.72 16.00 2.83
C TRP A 134 -0.34 16.60 3.10
N HIS A 135 0.29 17.24 2.11
CA HIS A 135 1.64 17.77 2.27
C HIS A 135 1.74 19.15 1.60
N ASP A 136 2.55 20.04 2.17
CA ASP A 136 2.80 21.29 1.47
C ASP A 136 3.48 20.92 0.16
N GLY A 137 3.00 21.49 -0.97
CA GLY A 137 3.53 21.08 -2.27
C GLY A 137 2.60 20.15 -3.04
N ASP A 138 1.65 19.49 -2.40
CA ASP A 138 0.61 18.82 -3.18
C ASP A 138 -0.14 19.83 -4.06
N GLY A 139 -0.59 19.40 -5.24
CA GLY A 139 -1.27 20.23 -6.23
C GLY A 139 -2.71 20.53 -5.82
N GLY A 140 -3.28 19.64 -5.00
CA GLY A 140 -4.58 19.94 -4.43
C GLY A 140 -4.84 19.07 -3.22
N ARG A 141 -6.10 18.75 -2.98
CA ARG A 141 -6.47 17.82 -1.92
C ARG A 141 -6.82 16.46 -2.54
N TYR A 142 -6.16 15.43 -2.00
CA TYR A 142 -6.15 14.10 -2.58
C TYR A 142 -7.07 13.20 -1.78
N ILE A 143 -8.31 13.23 -2.23
CA ILE A 143 -9.36 12.42 -1.63
C ILE A 143 -9.15 10.98 -2.03
N GLY A 144 -8.52 10.75 -3.18
CA GLY A 144 -8.32 9.41 -3.69
C GLY A 144 -6.89 8.97 -3.42
N THR A 145 -6.67 8.37 -2.25
CA THR A 145 -5.39 7.74 -1.99
C THR A 145 -5.56 6.22 -1.81
N ALA A 146 -5.86 5.77 -0.58
CA ALA A 146 -6.20 4.36 -0.41
C ALA A 146 -7.60 4.11 -1.00
N CYS A 147 -7.69 3.89 -2.32
CA CYS A 147 -8.97 3.96 -3.00
C CYS A 147 -9.09 2.88 -4.07
N MET A 148 -10.26 2.78 -4.71
CA MET A 148 -10.49 1.86 -5.82
C MET A 148 -10.96 2.63 -7.03
N VAL A 149 -10.31 2.41 -8.17
CA VAL A 149 -10.83 2.87 -9.44
C VAL A 149 -11.30 1.67 -10.26
N ILE A 150 -12.61 1.64 -10.49
CA ILE A 150 -13.36 0.54 -11.09
C ILE A 150 -13.75 0.92 -12.52
N THR A 151 -13.49 0.03 -13.48
CA THR A 151 -13.95 0.20 -14.84
C THR A 151 -14.39 -1.18 -15.36
N ARG A 152 -15.26 -1.20 -16.39
CA ARG A 152 -15.61 -2.46 -17.01
C ARG A 152 -15.17 -2.42 -18.47
N ASP A 153 -14.43 -3.46 -18.86
CA ASP A 153 -14.21 -3.72 -20.28
C ASP A 153 -15.54 -3.95 -20.99
N PRO A 154 -15.89 -3.08 -21.97
CA PRO A 154 -17.17 -3.16 -22.67
C PRO A 154 -17.37 -4.38 -23.56
N ASP A 155 -16.27 -4.97 -24.03
CA ASP A 155 -16.34 -6.04 -25.02
C ASP A 155 -16.45 -7.39 -24.31
N THR A 156 -15.58 -7.59 -23.31
CA THR A 156 -15.60 -8.81 -22.53
C THR A 156 -16.47 -8.65 -21.29
N GLY A 157 -16.23 -7.60 -20.49
CA GLY A 157 -16.96 -7.39 -19.25
C GLY A 157 -16.09 -7.68 -18.01
N TRP A 158 -14.78 -7.84 -18.21
CA TRP A 158 -13.82 -7.82 -17.13
C TRP A 158 -14.00 -6.51 -16.36
N VAL A 159 -14.04 -6.60 -15.03
CA VAL A 159 -14.05 -5.36 -14.27
C VAL A 159 -12.74 -5.23 -13.49
N ASN A 160 -12.02 -4.12 -13.74
CA ASN A 160 -10.70 -3.89 -13.19
C ASN A 160 -10.76 -2.81 -12.14
N VAL A 161 -10.30 -3.16 -10.92
CA VAL A 161 -10.10 -2.21 -9.84
C VAL A 161 -8.61 -2.04 -9.50
N GLY A 162 -8.11 -0.82 -9.67
CA GLY A 162 -6.76 -0.45 -9.32
C GLY A 162 -6.78 0.83 -8.48
N THR A 163 -5.60 1.30 -8.08
CA THR A 163 -5.52 2.46 -7.21
C THR A 163 -4.70 3.53 -7.89
N TYR A 164 -5.35 4.61 -8.35
CA TYR A 164 -4.64 5.79 -8.88
C TYR A 164 -4.96 7.00 -8.01
N ARG A 165 -3.95 7.87 -7.75
CA ARG A 165 -4.19 9.14 -7.07
C ARG A 165 -5.33 9.92 -7.77
N GLY A 166 -6.28 10.39 -6.94
CA GLY A 166 -7.45 11.19 -7.27
C GLY A 166 -7.48 12.51 -6.50
N CYS A 167 -7.26 13.62 -7.21
CA CYS A 167 -7.33 14.93 -6.60
C CYS A 167 -8.67 15.63 -6.91
N VAL A 168 -9.17 16.40 -5.93
CA VAL A 168 -10.39 17.19 -6.11
C VAL A 168 -10.07 18.40 -6.97
N GLN A 169 -10.74 18.50 -8.12
CA GLN A 169 -10.38 19.53 -9.09
C GLN A 169 -11.51 20.55 -9.28
N GLY A 170 -12.42 20.65 -8.32
CA GLY A 170 -13.64 21.45 -8.47
C GLY A 170 -14.78 20.72 -7.75
N LYS A 171 -16.03 21.16 -7.91
CA LYS A 171 -17.06 20.44 -7.16
C LYS A 171 -17.58 19.19 -7.87
N ASP A 172 -17.08 18.85 -9.07
CA ASP A 172 -17.65 17.77 -9.87
C ASP A 172 -16.57 17.17 -10.79
N ARG A 173 -15.31 17.54 -10.55
CA ARG A 173 -14.18 16.99 -11.29
C ARG A 173 -13.14 16.39 -10.33
N LEU A 174 -12.70 15.18 -10.65
CA LEU A 174 -11.68 14.47 -9.88
C LEU A 174 -10.59 14.05 -10.84
N SER A 175 -9.35 14.58 -10.72
CA SER A 175 -8.24 14.13 -11.56
C SER A 175 -7.81 12.72 -11.13
N LEU A 176 -7.48 11.87 -12.10
CA LEU A 176 -6.78 10.62 -11.84
C LEU A 176 -5.48 10.64 -12.66
N TRP A 177 -4.40 10.08 -12.09
CA TRP A 177 -3.15 9.83 -12.81
C TRP A 177 -2.94 8.33 -12.94
N MET A 178 -3.00 7.81 -14.17
CA MET A 178 -2.68 6.42 -14.40
C MET A 178 -1.40 6.33 -15.24
N LEU A 179 -0.35 5.67 -14.70
CA LEU A 179 0.85 5.35 -15.48
C LEU A 179 0.43 4.58 -16.73
N GLY A 180 1.18 4.78 -17.85
CA GLY A 180 0.80 4.38 -19.20
C GLY A 180 0.09 3.03 -19.35
N ASN A 181 0.53 2.05 -18.53
CA ASN A 181 0.32 0.61 -18.61
C ASN A 181 -0.76 0.16 -17.64
N ARG A 182 -1.67 1.05 -17.27
CA ARG A 182 -2.60 0.72 -16.21
C ARG A 182 -3.86 0.13 -16.82
N HIS A 183 -4.43 -0.90 -16.16
CA HIS A 183 -5.57 -1.61 -16.72
C HIS A 183 -6.79 -0.69 -16.88
N ALA A 184 -7.10 0.12 -15.88
CA ALA A 184 -8.13 1.13 -16.02
C ALA A 184 -8.04 1.84 -17.39
N LEU A 185 -6.83 2.30 -17.75
CA LEU A 185 -6.54 3.01 -19.00
C LEU A 185 -6.75 2.11 -20.21
N ALA A 186 -6.38 0.83 -20.09
CA ALA A 186 -6.52 -0.13 -21.18
C ALA A 186 -7.98 -0.22 -21.66
N ILE A 187 -8.87 -0.43 -20.66
CA ILE A 187 -10.32 -0.44 -20.77
C ILE A 187 -10.74 0.93 -21.33
N ALA A 188 -10.44 1.99 -20.57
CA ALA A 188 -10.83 3.36 -20.89
C ALA A 188 -10.75 3.63 -22.38
N LYS A 189 -9.67 3.13 -23.01
CA LYS A 189 -9.38 3.44 -24.40
C LYS A 189 -10.39 2.75 -25.32
N LYS A 190 -11.10 1.72 -24.81
CA LYS A 190 -12.16 1.09 -25.59
C LYS A 190 -13.31 2.07 -25.79
N TYR A 191 -13.67 2.81 -24.74
CA TYR A 191 -14.79 3.73 -24.89
C TYR A 191 -14.34 5.01 -25.59
N TRP A 192 -13.03 5.28 -25.61
CA TRP A 192 -12.59 6.45 -26.35
C TRP A 192 -12.62 6.17 -27.85
N ASP A 193 -12.03 5.06 -28.29
CA ASP A 193 -11.99 4.75 -29.70
C ASP A 193 -13.41 4.46 -30.19
N ARG A 194 -14.41 4.88 -29.41
CA ARG A 194 -15.83 4.74 -29.72
C ARG A 194 -16.55 6.04 -29.39
N GLY A 195 -15.80 7.09 -29.04
CA GLY A 195 -16.31 8.46 -28.95
C GLY A 195 -17.34 8.69 -27.85
N THR A 196 -17.49 7.69 -26.97
CA THR A 196 -18.10 7.82 -25.66
C THR A 196 -17.00 8.10 -24.65
N ALA A 197 -17.41 8.55 -23.47
CA ALA A 197 -16.57 8.53 -22.30
C ALA A 197 -16.37 7.09 -21.83
N CYS A 198 -15.38 6.90 -20.94
CA CYS A 198 -15.23 5.63 -20.24
C CYS A 198 -15.93 5.73 -18.89
N PRO A 199 -16.98 4.93 -18.63
CA PRO A 199 -17.67 4.98 -17.35
C PRO A 199 -16.81 4.36 -16.24
N ILE A 200 -16.88 4.97 -15.05
CA ILE A 200 -15.91 4.73 -14.00
C ILE A 200 -16.55 5.02 -12.64
N ALA A 201 -16.27 4.18 -11.65
CA ALA A 201 -16.59 4.58 -10.28
C ALA A 201 -15.29 4.53 -9.47
N VAL A 202 -15.24 5.30 -8.36
CA VAL A 202 -14.01 5.52 -7.63
C VAL A 202 -14.35 5.53 -6.14
N VAL A 203 -13.81 4.59 -5.34
CA VAL A 203 -14.20 4.42 -3.94
C VAL A 203 -13.13 5.05 -3.06
N VAL A 204 -13.50 5.78 -2.01
CA VAL A 204 -12.52 6.67 -1.38
C VAL A 204 -12.54 6.44 0.15
N GLY A 205 -13.29 5.41 0.51
CA GLY A 205 -13.36 4.94 1.87
C GLY A 205 -14.17 3.64 1.86
N CYS A 206 -13.72 2.67 2.66
CA CYS A 206 -14.26 1.32 2.65
C CYS A 206 -13.31 0.39 3.39
N ASP A 207 -13.72 -0.88 3.49
CA ASP A 207 -12.98 -2.03 3.97
C ASP A 207 -11.56 -2.03 3.41
N PRO A 208 -10.51 -1.91 4.27
CA PRO A 208 -9.14 -1.85 3.75
C PRO A 208 -8.69 -3.12 3.04
N ILE A 209 -9.28 -4.29 3.35
CA ILE A 209 -8.89 -5.49 2.61
C ILE A 209 -9.09 -5.26 1.11
N LEU A 210 -10.17 -4.53 0.75
CA LEU A 210 -10.57 -4.24 -0.63
C LEU A 210 -9.52 -3.44 -1.40
N THR A 211 -8.97 -2.39 -0.77
CA THR A 211 -7.93 -1.59 -1.40
C THR A 211 -6.59 -2.33 -1.37
N THR A 212 -6.36 -3.17 -0.34
CA THR A 212 -5.20 -4.04 -0.30
C THR A 212 -5.16 -4.80 -1.63
N ALA A 213 -6.35 -5.09 -2.15
CA ALA A 213 -6.55 -5.97 -3.28
C ALA A 213 -6.50 -5.17 -4.58
N ALA A 214 -7.01 -3.93 -4.51
CA ALA A 214 -7.07 -3.01 -5.62
C ALA A 214 -5.65 -2.74 -6.08
N ALA A 215 -4.78 -2.62 -5.08
CA ALA A 215 -3.35 -2.37 -5.19
C ALA A 215 -2.56 -3.58 -5.68
N ILE A 216 -3.11 -4.82 -5.55
CA ILE A 216 -2.41 -6.03 -5.96
C ILE A 216 -2.29 -6.04 -7.50
N ALA A 217 -1.05 -6.23 -7.99
CA ALA A 217 -0.73 -6.15 -9.41
C ALA A 217 -1.32 -7.37 -10.11
N ALA A 218 -2.65 -7.46 -10.17
CA ALA A 218 -3.27 -8.67 -10.69
C ALA A 218 -3.07 -8.69 -12.20
N PRO A 219 -2.90 -9.89 -12.82
CA PRO A 219 -2.82 -10.03 -14.28
C PRO A 219 -3.97 -9.32 -14.99
N SER A 220 -3.78 -9.09 -16.29
CA SER A 220 -4.84 -8.58 -17.15
C SER A 220 -6.04 -9.50 -17.04
N GLY A 221 -7.17 -9.17 -17.68
CA GLY A 221 -8.35 -10.03 -17.74
C GLY A 221 -8.95 -10.39 -16.37
N VAL A 222 -8.15 -10.26 -15.29
CA VAL A 222 -8.45 -10.76 -13.95
C VAL A 222 -9.05 -9.61 -13.13
N CYS A 223 -10.27 -9.82 -12.63
CA CYS A 223 -11.00 -8.80 -11.89
C CYS A 223 -10.64 -8.87 -10.40
N GLU A 224 -9.90 -7.87 -9.89
CA GLU A 224 -9.33 -7.93 -8.55
C GLU A 224 -10.40 -7.90 -7.47
N TYR A 225 -11.68 -7.92 -7.88
CA TYR A 225 -12.77 -8.11 -6.93
C TYR A 225 -12.74 -9.55 -6.43
N ASP A 226 -12.66 -10.48 -7.40
CA ASP A 226 -12.41 -11.89 -7.15
C ASP A 226 -11.24 -12.08 -6.16
N VAL A 227 -10.10 -11.42 -6.37
CA VAL A 227 -8.93 -11.69 -5.56
C VAL A 227 -9.24 -11.36 -4.11
N ALA A 228 -10.03 -10.29 -3.93
CA ALA A 228 -10.45 -9.92 -2.59
C ALA A 228 -11.25 -11.08 -2.01
N GLY A 229 -12.16 -11.60 -2.82
CA GLY A 229 -12.92 -12.74 -2.35
C GLY A 229 -11.99 -13.83 -1.83
N GLY A 230 -10.83 -13.97 -2.50
CA GLY A 230 -9.86 -15.00 -2.21
C GLY A 230 -9.23 -14.84 -0.84
N LEU A 231 -8.90 -13.59 -0.48
CA LEU A 231 -8.15 -13.30 0.73
C LEU A 231 -9.05 -13.35 1.98
N ARG A 232 -10.36 -13.14 1.78
CA ARG A 232 -11.31 -13.14 2.89
C ARG A 232 -12.01 -14.51 2.98
N GLY A 233 -12.24 -15.16 1.84
CA GLY A 233 -12.79 -16.50 1.81
C GLY A 233 -14.26 -16.54 1.37
N VAL A 234 -14.89 -15.37 1.26
CA VAL A 234 -16.26 -15.20 0.80
C VAL A 234 -16.29 -14.01 -0.15
N GLY A 235 -17.16 -14.05 -1.18
CA GLY A 235 -17.23 -12.97 -2.14
C GLY A 235 -17.66 -11.68 -1.46
N VAL A 236 -17.33 -10.54 -2.07
CA VAL A 236 -17.57 -9.26 -1.42
C VAL A 236 -18.96 -8.71 -1.77
N GLU A 237 -19.60 -8.09 -0.75
CA GLU A 237 -20.95 -7.56 -0.84
C GLU A 237 -20.93 -6.26 -1.63
N VAL A 238 -21.76 -6.23 -2.68
CA VAL A 238 -21.53 -5.37 -3.81
C VAL A 238 -22.86 -4.85 -4.36
N ILE A 239 -22.82 -3.75 -5.12
CA ILE A 239 -24.04 -3.14 -5.68
C ILE A 239 -23.74 -2.60 -7.07
N SER A 240 -24.62 -2.88 -8.03
CA SER A 240 -24.66 -2.08 -9.23
C SER A 240 -24.82 -0.62 -8.81
N ALA A 241 -23.80 0.18 -9.07
CA ALA A 241 -23.91 1.62 -9.00
C ALA A 241 -25.04 2.07 -9.93
N PRO A 242 -25.91 3.04 -9.53
CA PRO A 242 -27.13 3.36 -10.29
C PRO A 242 -26.86 3.84 -11.72
N GLY A 243 -25.88 4.74 -11.88
CA GLY A 243 -25.68 5.48 -13.12
C GLY A 243 -24.95 4.69 -14.22
N THR A 244 -24.01 3.81 -13.82
CA THR A 244 -23.04 3.22 -14.74
C THR A 244 -23.16 1.70 -14.78
N GLY A 245 -23.79 1.12 -13.75
CA GLY A 245 -23.86 -0.33 -13.61
C GLY A 245 -22.68 -0.97 -12.87
N LEU A 246 -21.49 -0.32 -12.86
CA LEU A 246 -20.28 -0.88 -12.26
C LEU A 246 -20.50 -1.41 -10.84
N PRO A 247 -19.83 -2.50 -10.42
CA PRO A 247 -19.98 -3.03 -9.06
C PRO A 247 -19.20 -2.25 -8.04
N ILE A 248 -19.85 -1.79 -6.96
CA ILE A 248 -19.21 -1.07 -5.87
C ILE A 248 -19.59 -1.74 -4.54
N PRO A 249 -18.76 -1.58 -3.46
CA PRO A 249 -19.04 -2.22 -2.17
C PRO A 249 -20.31 -1.72 -1.47
N ALA A 250 -21.12 -2.68 -1.01
CA ALA A 250 -22.42 -2.42 -0.39
C ALA A 250 -22.26 -1.47 0.79
N ASN A 251 -21.22 -1.67 1.60
CA ASN A 251 -21.08 -0.90 2.83
C ASN A 251 -19.90 0.07 2.73
N ALA A 252 -19.57 0.47 1.50
CA ALA A 252 -18.52 1.46 1.30
C ALA A 252 -18.87 2.78 1.98
N GLU A 253 -17.83 3.60 2.16
CA GLU A 253 -17.93 4.85 2.87
C GLU A 253 -18.37 5.99 1.95
N ILE A 254 -17.79 6.08 0.73
CA ILE A 254 -17.92 7.21 -0.19
C ILE A 254 -17.62 6.75 -1.62
N VAL A 255 -18.56 6.94 -2.56
CA VAL A 255 -18.27 6.56 -3.94
C VAL A 255 -18.58 7.71 -4.89
N PHE A 256 -17.72 7.93 -5.87
CA PHE A 256 -18.04 8.77 -7.01
C PHE A 256 -18.14 7.92 -8.27
N GLU A 257 -19.21 8.16 -9.03
CA GLU A 257 -19.56 7.48 -10.25
C GLU A 257 -19.63 8.54 -11.35
N GLY A 258 -19.57 8.13 -12.62
CA GLY A 258 -19.54 9.11 -13.70
C GLY A 258 -18.56 8.67 -14.78
N GLU A 259 -18.21 9.58 -15.69
CA GLU A 259 -17.41 9.17 -16.82
C GLU A 259 -16.14 10.01 -16.93
N MET A 260 -15.12 9.42 -17.56
CA MET A 260 -13.83 10.04 -17.84
C MET A 260 -13.64 10.07 -19.35
N PRO A 261 -13.65 11.28 -19.98
CA PRO A 261 -13.42 11.42 -21.43
C PRO A 261 -11.94 11.29 -21.80
N PRO A 262 -11.58 11.32 -23.11
CA PRO A 262 -10.17 11.26 -23.53
C PRO A 262 -9.45 12.57 -23.17
N VAL A 263 -8.12 12.48 -23.06
CA VAL A 263 -7.23 13.60 -22.81
C VAL A 263 -7.58 14.77 -23.73
N GLU A 264 -7.77 14.47 -25.03
CA GLU A 264 -7.81 15.51 -26.05
C GLU A 264 -9.07 16.36 -25.94
N GLU A 265 -9.98 16.03 -24.99
CA GLU A 265 -11.32 16.61 -24.95
C GLU A 265 -11.53 17.38 -23.64
N GLU A 266 -10.88 16.94 -22.57
CA GLU A 266 -10.90 17.59 -21.27
C GLU A 266 -9.80 16.94 -20.42
N SER A 267 -8.84 17.79 -20.01
CA SER A 267 -7.79 17.41 -19.09
C SER A 267 -7.88 18.40 -17.93
N VAL A 268 -7.09 18.15 -16.89
CA VAL A 268 -6.87 19.19 -15.91
C VAL A 268 -5.43 19.12 -15.45
N HIS A 269 -4.98 20.18 -14.77
CA HIS A 269 -3.63 20.21 -14.25
C HIS A 269 -3.70 19.49 -12.90
N GLU A 270 -2.86 18.45 -12.83
CA GLU A 270 -2.78 17.47 -11.77
C GLU A 270 -1.43 17.72 -11.11
N GLY A 271 -1.46 18.48 -10.00
CA GLY A 271 -0.27 19.18 -9.46
C GLY A 271 0.60 18.03 -9.07
N PRO A 272 1.80 18.17 -8.46
CA PRO A 272 2.58 17.00 -8.02
C PRO A 272 1.87 16.42 -6.80
N PHE A 273 2.26 15.18 -6.50
CA PHE A 273 2.01 14.41 -5.29
C PHE A 273 3.22 13.50 -5.09
N GLY A 274 3.39 12.97 -3.87
CA GLY A 274 4.61 12.25 -3.53
C GLY A 274 4.68 10.85 -4.15
N GLU A 275 5.77 10.60 -4.85
CA GLU A 275 6.13 9.26 -5.30
C GLU A 275 6.53 8.34 -4.11
N TRP A 276 6.62 7.03 -4.39
CA TRP A 276 6.89 6.02 -3.38
C TRP A 276 8.31 6.18 -2.80
N THR A 277 9.20 6.77 -3.59
CA THR A 277 10.56 7.03 -3.16
C THR A 277 10.63 8.28 -2.29
N GLY A 278 9.53 8.85 -1.80
CA GLY A 278 9.60 9.98 -0.89
C GLY A 278 9.97 11.36 -1.49
N TYR A 279 9.71 11.55 -2.80
CA TYR A 279 9.92 12.78 -3.53
C TYR A 279 8.69 13.15 -4.35
N PHE A 280 8.46 14.45 -4.63
CA PHE A 280 7.35 14.86 -5.50
C PHE A 280 7.67 14.47 -6.93
N THR A 281 6.72 13.80 -7.60
CA THR A 281 6.77 13.59 -9.04
C THR A 281 6.43 14.88 -9.80
N HIS A 282 6.26 14.77 -11.13
CA HIS A 282 5.92 15.88 -12.03
C HIS A 282 4.40 16.08 -12.11
N ALA A 283 3.99 17.36 -12.11
CA ALA A 283 2.68 17.85 -12.52
C ALA A 283 2.59 17.84 -14.05
N GLY A 284 1.38 17.55 -14.56
CA GLY A 284 1.09 17.55 -15.98
C GLY A 284 -0.39 17.82 -16.21
N ASP A 285 -0.81 17.90 -17.49
CA ASP A 285 -2.21 17.78 -17.83
C ASP A 285 -2.61 16.32 -17.76
N GLU A 286 -3.54 16.02 -16.87
CA GLU A 286 -4.02 14.67 -16.65
C GLU A 286 -5.52 14.53 -17.00
N THR A 287 -5.85 13.36 -17.55
CA THR A 287 -7.09 12.61 -17.45
C THR A 287 -7.91 13.03 -16.22
N VAL A 288 -9.19 13.44 -16.45
CA VAL A 288 -10.11 13.88 -15.40
C VAL A 288 -11.40 13.08 -15.53
N VAL A 289 -12.12 12.94 -14.40
CA VAL A 289 -13.46 12.36 -14.39
C VAL A 289 -14.49 13.43 -14.03
N ARG A 290 -15.53 13.55 -14.87
CA ARG A 290 -16.79 14.24 -14.56
C ARG A 290 -17.63 13.38 -13.59
N VAL A 291 -17.78 13.86 -12.35
CA VAL A 291 -18.43 13.09 -11.29
C VAL A 291 -19.95 13.31 -11.33
N GLN A 292 -20.77 12.26 -11.47
CA GLN A 292 -22.19 12.52 -11.72
C GLN A 292 -23.05 12.09 -10.54
N ARG A 293 -22.51 11.22 -9.69
CA ARG A 293 -23.19 10.74 -8.50
C ARG A 293 -22.19 10.77 -7.34
N ILE A 294 -22.68 11.09 -6.15
CA ILE A 294 -21.90 10.91 -4.93
C ILE A 294 -22.70 9.99 -4.00
N LEU A 295 -22.10 8.88 -3.55
CA LEU A 295 -22.78 8.12 -2.53
C LEU A 295 -21.95 8.13 -1.24
N HIS A 296 -22.65 8.21 -0.09
CA HIS A 296 -21.95 8.24 1.18
C HIS A 296 -22.85 7.82 2.32
N ARG A 297 -22.29 7.10 3.30
CA ARG A 297 -22.99 6.71 4.52
C ARG A 297 -23.03 7.90 5.47
N ASP A 298 -23.90 7.83 6.49
CA ASP A 298 -23.91 8.85 7.52
C ASP A 298 -22.60 8.76 8.29
N SER A 299 -22.03 9.93 8.66
CA SER A 299 -20.67 10.00 9.18
C SER A 299 -19.69 9.28 8.23
N PRO A 300 -19.56 9.72 6.95
CA PRO A 300 -18.71 9.01 6.01
C PRO A 300 -17.23 9.27 6.31
N ILE A 301 -16.45 8.18 6.34
CA ILE A 301 -15.02 8.24 6.61
C ILE A 301 -14.28 8.12 5.27
N ILE A 302 -13.30 9.00 5.05
CA ILE A 302 -12.33 8.83 3.97
C ILE A 302 -11.17 7.93 4.45
N LEU A 303 -10.85 6.88 3.69
CA LEU A 303 -9.68 6.05 3.99
C LEU A 303 -8.43 6.70 3.39
N GLY A 304 -7.60 7.30 4.25
CA GLY A 304 -6.47 8.08 3.78
C GLY A 304 -5.13 7.40 4.06
N ALA A 305 -4.41 7.14 2.96
CA ALA A 305 -3.05 6.69 2.90
C ALA A 305 -2.19 7.69 2.15
N PRO A 306 -1.81 8.87 2.69
CA PRO A 306 -0.97 9.79 1.90
C PRO A 306 0.41 9.16 1.81
N PRO A 307 1.17 9.31 0.69
CA PRO A 307 2.57 8.88 0.66
C PRO A 307 3.43 9.56 1.72
N MET A 308 4.31 8.80 2.39
CA MET A 308 5.27 9.33 3.36
C MET A 308 6.61 9.02 2.75
N ILE A 309 7.73 9.49 3.30
CA ILE A 309 9.01 9.00 2.80
C ILE A 309 8.97 7.48 3.02
N PRO A 310 9.52 6.61 2.15
CA PRO A 310 9.32 5.18 2.31
C PRO A 310 9.98 4.55 3.56
N THR A 311 10.89 5.24 4.26
CA THR A 311 11.43 4.65 5.46
C THR A 311 10.54 4.89 6.69
N VAL A 312 9.47 5.65 6.58
CA VAL A 312 8.49 5.74 7.66
C VAL A 312 7.57 4.52 7.62
N PRO A 313 6.99 4.00 8.74
CA PRO A 313 5.98 2.93 8.60
C PRO A 313 4.87 3.43 7.67
N ALA A 314 4.63 2.65 6.60
CA ALA A 314 3.63 2.93 5.56
C ALA A 314 2.25 2.75 6.20
N GLY A 315 1.51 3.85 6.30
CA GLY A 315 0.26 3.85 7.04
C GLY A 315 -0.75 2.84 6.50
N ASP A 316 -0.59 2.36 5.25
CA ASP A 316 -1.61 1.50 4.64
C ASP A 316 -1.19 0.03 4.59
N GLN A 317 0.12 -0.27 4.74
CA GLN A 317 0.60 -1.57 5.19
C GLN A 317 2.09 -1.51 5.52
N ALA A 318 2.37 -1.45 6.82
CA ALA A 318 3.70 -1.22 7.37
C ALA A 318 4.60 -2.43 7.08
N VAL A 319 3.99 -3.62 7.13
CA VAL A 319 4.60 -4.84 6.66
C VAL A 319 4.68 -4.82 5.13
N PRO A 320 5.87 -4.95 4.49
CA PRO A 320 5.96 -4.97 3.03
C PRO A 320 5.61 -6.32 2.42
N LEU A 321 4.29 -6.58 2.35
CA LEU A 321 3.73 -7.88 1.97
C LEU A 321 4.32 -8.38 0.67
N TYR A 322 4.26 -7.55 -0.39
CA TYR A 322 4.50 -7.95 -1.75
C TYR A 322 5.99 -8.12 -2.03
N SER A 323 6.76 -7.08 -1.73
CA SER A 323 8.20 -7.09 -1.91
C SER A 323 8.87 -8.31 -1.24
N ALA A 324 8.60 -8.51 0.08
CA ALA A 324 9.20 -9.55 0.93
C ALA A 324 8.83 -10.94 0.40
N SER A 325 7.56 -11.10 0.02
CA SER A 325 7.06 -12.42 -0.32
C SER A 325 7.50 -12.86 -1.70
N VAL A 326 7.56 -11.91 -2.66
CA VAL A 326 7.76 -12.30 -4.04
C VAL A 326 9.25 -12.57 -4.26
N THR A 327 10.10 -11.77 -3.58
CA THR A 327 11.51 -12.09 -3.53
C THR A 327 11.76 -13.45 -2.89
N TRP A 328 10.93 -13.80 -1.89
CA TRP A 328 11.17 -15.04 -1.17
C TRP A 328 10.94 -16.22 -2.11
N ASP A 329 9.83 -16.21 -2.86
CA ASP A 329 9.55 -17.16 -3.92
C ASP A 329 10.67 -17.20 -4.96
N HIS A 330 11.27 -16.07 -5.30
CA HIS A 330 12.33 -16.08 -6.29
C HIS A 330 13.58 -16.77 -5.72
N LEU A 331 13.89 -16.49 -4.44
CA LEU A 331 15.07 -17.12 -3.87
C LEU A 331 14.87 -18.64 -3.87
N GLU A 332 13.65 -19.09 -3.66
CA GLU A 332 13.41 -20.52 -3.59
C GLU A 332 13.62 -21.10 -4.97
N ALA A 333 12.95 -20.50 -5.95
CA ALA A 333 13.04 -20.89 -7.34
C ALA A 333 14.50 -20.86 -7.76
N SER A 334 15.28 -19.90 -7.25
CA SER A 334 16.67 -19.77 -7.65
C SER A 334 17.53 -20.77 -6.91
N GLY A 335 16.91 -21.81 -6.33
CA GLY A 335 17.47 -22.80 -5.41
C GLY A 335 18.36 -22.23 -4.29
N VAL A 336 18.03 -21.10 -3.65
CA VAL A 336 18.70 -20.72 -2.42
C VAL A 336 18.02 -21.53 -1.34
N GLN A 337 18.73 -21.91 -0.27
CA GLN A 337 18.18 -22.88 0.67
C GLN A 337 18.24 -22.41 2.11
N ASN A 338 17.56 -23.15 2.98
CA ASN A 338 17.49 -22.76 4.37
C ASN A 338 17.21 -21.26 4.47
N ILE A 339 16.22 -20.73 3.73
CA ILE A 339 15.85 -19.32 3.93
C ILE A 339 15.18 -19.21 5.30
N LYS A 340 15.66 -18.33 6.18
CA LYS A 340 14.87 -18.04 7.37
C LYS A 340 13.97 -16.80 7.23
N GLY A 341 14.14 -15.96 6.21
CA GLY A 341 13.41 -14.70 6.18
C GLY A 341 13.77 -13.80 5.00
N VAL A 342 12.80 -13.06 4.48
CA VAL A 342 13.14 -12.02 3.53
C VAL A 342 12.38 -10.78 3.93
N TRP A 343 13.03 -9.60 3.87
CA TRP A 343 12.37 -8.39 4.30
C TRP A 343 12.79 -7.27 3.36
N ALA A 344 12.07 -6.14 3.39
CA ALA A 344 12.48 -5.00 2.59
C ALA A 344 12.28 -3.78 3.45
N TYR A 345 13.26 -2.88 3.44
CA TYR A 345 13.11 -1.52 3.96
C TYR A 345 12.94 -0.52 2.80
N ALA A 346 12.01 0.43 2.96
CA ALA A 346 11.71 1.47 2.01
C ALA A 346 11.23 0.86 0.69
N ARG A 347 10.39 -0.17 0.86
CA ARG A 347 9.71 -0.85 -0.23
C ARG A 347 10.61 -1.92 -0.85
N GLN A 348 11.77 -1.51 -1.38
CA GLN A 348 12.68 -2.43 -2.04
C GLN A 348 14.10 -1.87 -2.15
N LEU A 349 14.42 -0.79 -1.42
CA LEU A 349 15.69 -0.09 -1.58
C LEU A 349 16.81 -0.75 -0.76
N MET A 350 16.48 -1.40 0.37
CA MET A 350 17.36 -2.44 0.89
C MET A 350 16.58 -3.74 0.95
N MET A 351 16.95 -4.75 0.16
CA MET A 351 16.40 -6.07 0.41
C MET A 351 17.26 -6.82 1.44
N VAL A 352 16.61 -7.50 2.39
CA VAL A 352 17.40 -8.29 3.32
C VAL A 352 16.96 -9.75 3.25
N ILE A 353 17.93 -10.68 3.39
CA ILE A 353 17.72 -12.12 3.32
C ILE A 353 18.44 -12.76 4.48
N SER A 354 17.77 -13.65 5.20
CA SER A 354 18.39 -14.42 6.28
C SER A 354 18.42 -15.86 5.84
N ILE A 355 19.63 -16.40 5.76
CA ILE A 355 19.76 -17.83 5.51
C ILE A 355 20.51 -18.50 6.65
N GLU A 356 20.53 -19.82 6.60
CA GLU A 356 21.44 -20.65 7.36
C GLU A 356 22.52 -21.17 6.40
N GLN A 357 23.75 -20.67 6.52
CA GLN A 357 24.77 -21.01 5.54
C GLN A 357 25.12 -22.50 5.63
N THR A 358 25.08 -23.22 4.53
CA THR A 358 25.64 -24.55 4.61
C THR A 358 26.79 -24.71 3.63
N GLY A 359 27.19 -23.64 2.91
CA GLY A 359 28.27 -23.77 1.94
C GLY A 359 28.81 -22.42 1.55
N ALA A 360 30.04 -22.40 1.02
CA ALA A 360 30.84 -21.20 0.92
C ALA A 360 30.16 -20.16 0.05
N GLY A 361 29.35 -20.67 -0.91
CA GLY A 361 28.77 -19.87 -1.96
C GLY A 361 27.36 -19.36 -1.64
N ASP A 362 26.82 -19.72 -0.47
CA ASP A 362 25.42 -19.45 -0.20
C ASP A 362 25.11 -17.95 -0.28
N ALA A 363 25.96 -17.15 0.38
CA ALA A 363 25.76 -15.75 0.68
C ALA A 363 25.74 -15.00 -0.64
N MET A 364 26.79 -15.18 -1.43
CA MET A 364 26.85 -14.45 -2.68
C MET A 364 25.74 -14.93 -3.63
N HIS A 365 25.41 -16.23 -3.56
CA HIS A 365 24.32 -16.76 -4.38
C HIS A 365 22.95 -16.16 -4.03
N ALA A 366 22.75 -15.79 -2.76
CA ALA A 366 21.47 -15.24 -2.36
C ALA A 366 21.38 -13.76 -2.83
N LEU A 367 22.52 -13.06 -2.77
CA LEU A 367 22.61 -11.68 -3.15
C LEU A 367 22.29 -11.62 -4.64
N LEU A 368 22.97 -12.43 -5.46
CA LEU A 368 22.77 -12.29 -6.89
C LEU A 368 21.36 -12.73 -7.19
N ALA A 369 20.86 -13.72 -6.43
CA ALA A 369 19.53 -14.18 -6.74
C ALA A 369 18.52 -13.05 -6.56
N ALA A 370 18.74 -12.21 -5.54
CA ALA A 370 17.73 -11.26 -5.13
C ALA A 370 17.76 -10.07 -6.08
N ALA A 371 18.97 -9.82 -6.59
CA ALA A 371 19.29 -8.66 -7.37
C ALA A 371 18.76 -8.87 -8.79
N GLY A 372 18.47 -10.11 -9.16
CA GLY A 372 18.08 -10.48 -10.52
C GLY A 372 16.58 -10.72 -10.64
N ARG A 373 15.86 -10.74 -9.51
CA ARG A 373 14.42 -10.94 -9.49
C ARG A 373 13.69 -9.90 -10.35
N LYS A 374 12.37 -10.16 -10.48
CA LYS A 374 11.47 -9.42 -11.36
C LYS A 374 11.47 -7.94 -10.96
N ARG A 375 11.98 -7.11 -11.89
CA ARG A 375 11.99 -5.67 -11.73
C ARG A 375 10.56 -5.20 -11.41
N THR A 376 10.36 -4.24 -10.49
CA THR A 376 9.00 -3.79 -10.23
C THR A 376 8.87 -2.26 -10.36
N GLY A 377 9.27 -1.53 -9.30
CA GLY A 377 9.16 -0.09 -9.19
C GLY A 377 10.39 0.69 -9.63
N GLY A 378 11.48 -0.02 -9.91
CA GLY A 378 12.58 0.49 -10.71
C GLY A 378 13.44 1.53 -9.98
N VAL A 379 13.56 1.38 -8.65
CA VAL A 379 14.78 1.83 -8.00
C VAL A 379 15.15 0.73 -7.03
N ASP A 380 16.34 0.19 -7.27
CA ASP A 380 17.00 -0.84 -6.48
C ASP A 380 18.27 -0.18 -5.95
N ARG A 381 18.80 -0.69 -4.83
CA ARG A 381 19.95 -0.02 -4.27
C ARG A 381 20.80 -1.01 -3.47
N TYR A 382 20.29 -1.47 -2.30
CA TYR A 382 21.11 -2.30 -1.42
C TYR A 382 20.57 -3.73 -1.35
N PHE A 383 21.49 -4.69 -1.20
CA PHE A 383 21.10 -6.08 -0.93
C PHE A 383 21.98 -6.63 0.19
N VAL A 384 21.35 -7.27 1.18
CA VAL A 384 22.07 -7.63 2.39
C VAL A 384 21.70 -9.07 2.72
N VAL A 385 22.70 -9.94 2.81
CA VAL A 385 22.43 -11.25 3.39
C VAL A 385 23.07 -11.39 4.77
N VAL A 386 22.34 -12.06 5.67
CA VAL A 386 22.85 -12.33 6.99
C VAL A 386 22.48 -13.75 7.44
N ASP A 387 23.03 -14.16 8.61
CA ASP A 387 22.87 -15.51 9.11
C ASP A 387 21.47 -15.63 9.74
N GLU A 388 21.20 -16.79 10.33
CA GLU A 388 19.86 -17.08 10.82
C GLU A 388 19.60 -16.48 12.20
N ASP A 389 20.62 -15.96 12.89
CA ASP A 389 20.33 -15.32 14.18
C ASP A 389 19.97 -13.81 14.07
N ILE A 390 19.92 -13.21 12.87
CA ILE A 390 19.52 -11.80 12.77
C ILE A 390 18.01 -11.64 12.58
N ASP A 391 17.32 -10.91 13.46
CA ASP A 391 15.97 -10.49 13.14
C ASP A 391 16.00 -9.42 12.04
N ILE A 392 15.76 -9.82 10.79
CA ILE A 392 15.86 -8.91 9.67
C ILE A 392 14.65 -7.95 9.62
N THR A 393 13.63 -8.13 10.51
CA THR A 393 12.51 -7.20 10.55
C THR A 393 12.82 -6.04 11.49
N ASP A 394 14.02 -6.04 12.08
CA ASP A 394 14.40 -5.10 13.12
C ASP A 394 15.64 -4.41 12.57
N ILE A 395 15.45 -3.14 12.17
CA ILE A 395 16.45 -2.36 11.46
C ILE A 395 17.70 -2.28 12.32
N ASN A 396 17.54 -2.12 13.63
CA ASN A 396 18.64 -2.04 14.57
C ASN A 396 19.50 -3.30 14.45
N HIS A 397 18.84 -4.46 14.43
CA HIS A 397 19.58 -5.73 14.40
C HIS A 397 20.31 -5.90 13.08
N VAL A 398 19.66 -5.50 11.96
CA VAL A 398 20.26 -5.60 10.64
C VAL A 398 21.45 -4.64 10.62
N LEU A 399 21.27 -3.47 11.21
CA LEU A 399 22.35 -2.52 11.18
C LEU A 399 23.56 -3.13 11.90
N TRP A 400 23.31 -3.81 13.01
CA TRP A 400 24.46 -4.19 13.81
C TRP A 400 25.22 -5.23 13.01
N ALA A 401 24.47 -5.98 12.21
CA ALA A 401 25.14 -6.96 11.39
C ALA A 401 25.90 -6.23 10.32
N LEU A 402 25.30 -5.18 9.70
CA LEU A 402 26.09 -4.49 8.68
C LEU A 402 27.30 -3.82 9.34
N PHE A 403 27.14 -3.43 10.60
CA PHE A 403 28.22 -2.74 11.29
C PHE A 403 29.26 -3.73 11.82
N THR A 404 28.92 -5.01 12.11
CA THR A 404 29.93 -5.84 12.80
C THR A 404 30.22 -7.16 12.10
N ARG A 405 29.59 -7.44 10.95
CA ARG A 405 29.88 -8.69 10.26
C ARG A 405 30.33 -8.48 8.81
N VAL A 406 30.75 -7.26 8.45
CA VAL A 406 31.07 -6.95 7.07
C VAL A 406 32.52 -6.54 7.12
N ASP A 407 33.35 -7.23 6.35
CA ASP A 407 34.63 -6.63 6.00
C ASP A 407 34.43 -5.72 4.78
N PRO A 408 34.57 -4.38 4.89
CA PRO A 408 34.28 -3.51 3.73
C PRO A 408 35.20 -3.76 2.53
N ALA A 409 36.39 -4.29 2.78
CA ALA A 409 37.29 -4.57 1.69
C ALA A 409 36.93 -5.87 0.95
N GLU A 410 35.94 -6.65 1.45
CA GLU A 410 35.71 -7.96 0.85
C GLU A 410 34.23 -8.24 0.62
N SER A 411 33.40 -7.61 1.42
CA SER A 411 32.00 -8.00 1.48
C SER A 411 31.10 -7.03 0.76
N ILE A 412 31.59 -5.81 0.43
CA ILE A 412 30.80 -4.81 -0.29
C ILE A 412 31.05 -4.82 -1.81
N HIS A 413 30.08 -5.31 -2.56
CA HIS A 413 30.24 -5.43 -4.00
C HIS A 413 29.40 -4.37 -4.72
N VAL A 414 30.07 -3.31 -5.21
CA VAL A 414 29.38 -2.27 -5.91
C VAL A 414 29.26 -2.67 -7.38
N LEU A 415 28.03 -2.73 -7.91
CA LEU A 415 27.86 -3.14 -9.30
C LEU A 415 27.42 -1.93 -10.10
N ARG A 416 28.00 -1.71 -11.27
CA ARG A 416 27.54 -0.55 -12.06
C ARG A 416 26.41 -0.96 -12.97
N THR A 417 25.19 -0.50 -12.71
CA THR A 417 24.04 -0.86 -13.56
C THR A 417 23.15 0.35 -13.80
N PRO A 418 22.29 0.40 -14.89
CA PRO A 418 21.34 1.50 -15.12
C PRO A 418 20.19 1.48 -14.14
N THR A 419 19.61 2.65 -13.88
CA THR A 419 18.40 2.89 -13.11
C THR A 419 17.29 3.36 -14.05
N THR A 420 16.17 3.85 -13.47
CA THR A 420 15.01 4.32 -14.24
C THR A 420 14.69 5.79 -13.91
N ALA A 421 13.94 6.46 -14.80
CA ALA A 421 13.71 7.90 -14.74
C ALA A 421 13.18 8.38 -13.37
N ILE A 422 12.50 7.49 -12.65
CA ILE A 422 11.79 7.68 -11.39
C ILE A 422 12.81 7.96 -10.28
N ASP A 423 14.10 7.61 -10.50
CA ASP A 423 15.16 7.59 -9.49
C ASP A 423 15.60 9.02 -9.18
N PRO A 424 15.48 9.46 -7.92
CA PRO A 424 15.59 10.89 -7.64
C PRO A 424 17.02 11.40 -7.75
N ARG A 425 17.95 10.51 -8.07
CA ARG A 425 19.36 10.81 -7.89
C ARG A 425 19.98 10.86 -9.28
N LEU A 426 19.16 10.62 -10.31
CA LEU A 426 19.69 10.79 -11.65
C LEU A 426 19.64 12.29 -12.02
N SER A 427 20.76 12.80 -12.51
CA SER A 427 20.99 14.21 -12.79
C SER A 427 20.24 14.60 -14.05
N PRO A 428 19.70 15.83 -14.17
CA PRO A 428 19.20 16.31 -15.48
C PRO A 428 20.15 16.06 -16.66
N ALA A 429 21.42 16.41 -16.47
CA ALA A 429 22.37 16.18 -17.57
C ALA A 429 22.28 14.70 -18.01
N LYS A 430 22.33 13.73 -17.06
CA LYS A 430 22.37 12.33 -17.43
C LYS A 430 21.11 11.94 -18.21
N ARG A 431 19.93 12.27 -17.68
CA ARG A 431 18.63 11.84 -18.19
C ARG A 431 18.47 12.24 -19.65
N GLU A 432 18.72 13.54 -19.85
CA GLU A 432 18.66 14.18 -21.13
C GLU A 432 19.58 13.48 -22.12
N ALA A 433 20.73 12.97 -21.68
CA ALA A 433 21.63 12.25 -22.58
C ALA A 433 21.30 10.76 -22.62
N GLY A 434 20.25 10.32 -21.93
CA GLY A 434 19.86 8.94 -22.15
C GLY A 434 20.76 8.03 -21.35
N ASP A 435 21.52 8.64 -20.44
CA ASP A 435 22.47 7.97 -19.59
C ASP A 435 21.83 7.62 -18.24
N MET A 436 21.61 6.32 -17.97
CA MET A 436 20.84 5.95 -16.79
C MET A 436 21.76 5.32 -15.75
N SER A 437 23.08 5.51 -15.87
CA SER A 437 23.97 4.83 -14.96
C SER A 437 23.65 5.21 -13.54
N MET A 438 23.49 4.16 -12.73
CA MET A 438 23.47 4.30 -11.29
C MET A 438 24.37 3.18 -10.75
N GLY A 439 23.89 2.36 -9.80
CA GLY A 439 24.59 1.15 -9.41
C GLY A 439 23.82 0.48 -8.28
N ILE A 440 24.24 -0.72 -7.88
CA ILE A 440 23.69 -1.39 -6.71
C ILE A 440 24.83 -1.94 -5.83
N VAL A 441 24.49 -2.25 -4.56
CA VAL A 441 25.45 -2.88 -3.66
C VAL A 441 24.99 -4.25 -3.16
N LEU A 442 25.83 -5.24 -3.42
CA LEU A 442 25.66 -6.57 -2.82
C LEU A 442 26.51 -6.62 -1.55
N ILE A 443 25.91 -6.68 -0.37
CA ILE A 443 26.68 -6.66 0.87
C ILE A 443 26.52 -8.01 1.56
N ASP A 444 27.63 -8.73 1.60
CA ASP A 444 27.65 -9.99 2.28
C ASP A 444 27.91 -9.76 3.77
N ALA A 445 26.87 -9.75 4.58
CA ALA A 445 27.03 -9.52 6.02
C ALA A 445 26.96 -10.82 6.85
N CYS A 446 27.23 -11.97 6.24
CA CYS A 446 27.20 -13.28 6.88
C CYS A 446 28.51 -13.51 7.67
N LYS A 447 28.42 -14.22 8.82
CA LYS A 447 29.62 -14.74 9.50
C LYS A 447 30.40 -15.50 8.40
N PRO A 448 31.68 -15.19 8.08
CA PRO A 448 32.47 -16.05 7.13
C PRO A 448 32.45 -17.55 7.42
N PHE A 449 32.09 -18.30 6.38
CA PHE A 449 31.80 -19.72 6.52
C PHE A 449 33.05 -20.51 6.92
N ALA A 450 34.19 -20.17 6.31
CA ALA A 450 35.43 -20.86 6.57
C ALA A 450 35.75 -20.94 8.06
N TRP A 451 35.21 -19.96 8.85
CA TRP A 451 35.58 -19.82 10.24
C TRP A 451 34.43 -19.41 11.16
N LYS A 452 33.22 -19.76 10.76
CA LYS A 452 31.96 -19.34 11.37
C LYS A 452 31.81 -19.76 12.82
N ASP A 453 32.07 -21.02 13.14
CA ASP A 453 32.05 -21.57 14.48
C ASP A 453 33.01 -20.85 15.43
N SER A 454 33.99 -20.11 14.90
CA SER A 454 34.92 -19.37 15.72
C SER A 454 34.46 -17.91 15.86
N TYR A 455 33.19 -17.67 15.55
CA TYR A 455 32.82 -16.27 15.51
C TYR A 455 32.54 -15.88 16.95
N PRO A 456 33.01 -14.69 17.42
CA PRO A 456 32.61 -14.14 18.71
C PRO A 456 31.11 -14.30 18.94
N ARG A 457 30.71 -14.48 20.21
CA ARG A 457 29.37 -14.88 20.49
C ARG A 457 28.66 -13.57 20.76
N ALA A 458 27.41 -13.48 20.29
CA ALA A 458 26.54 -12.34 20.45
C ALA A 458 26.16 -12.17 21.92
N ASN A 459 26.24 -10.94 22.39
CA ASN A 459 25.70 -10.58 23.69
C ASN A 459 24.25 -10.15 23.45
N ARG A 460 23.33 -11.11 23.39
CA ARG A 460 21.92 -10.83 23.22
C ARG A 460 21.10 -12.07 23.53
N PHE A 461 19.95 -11.89 24.22
CA PHE A 461 19.05 -12.96 24.54
C PHE A 461 18.54 -13.71 23.32
N ASP A 462 18.55 -15.03 23.48
CA ASP A 462 18.03 -15.92 22.46
C ASP A 462 16.56 -15.60 22.24
N GLU A 463 16.01 -16.02 21.09
CA GLU A 463 14.67 -15.64 20.66
C GLU A 463 13.61 -16.31 21.54
N PRO A 464 13.67 -17.65 21.79
CA PRO A 464 12.76 -18.35 22.70
C PRO A 464 12.56 -17.67 24.06
N TYR A 465 13.65 -17.39 24.76
CA TYR A 465 13.67 -16.65 26.00
C TYR A 465 13.07 -15.24 25.80
N ARG A 466 13.59 -14.48 24.85
CA ARG A 466 13.00 -13.19 24.52
C ARG A 466 11.47 -13.32 24.49
N ALA A 467 10.99 -14.43 23.94
CA ALA A 467 9.55 -14.64 23.84
C ALA A 467 8.98 -15.21 25.15
N GLU A 468 9.79 -15.88 25.96
CA GLU A 468 9.27 -16.31 27.27
C GLU A 468 9.00 -15.09 28.16
N ILE A 469 9.98 -14.21 28.24
CA ILE A 469 9.84 -13.02 29.06
C ILE A 469 8.75 -12.10 28.47
N ARG A 470 8.67 -11.98 27.14
CA ARG A 470 7.69 -11.07 26.53
C ARG A 470 6.26 -11.47 26.92
N ASP A 471 5.93 -12.73 26.68
CA ASP A 471 4.60 -13.26 26.93
C ASP A 471 4.38 -13.48 28.43
N ARG A 472 5.45 -13.53 29.23
CA ARG A 472 5.27 -13.59 30.67
C ARG A 472 5.03 -12.21 31.26
N TRP A 473 5.72 -11.16 30.78
CA TRP A 473 5.58 -9.81 31.31
C TRP A 473 4.62 -8.95 30.46
N LYS A 474 3.54 -9.58 29.94
CA LYS A 474 2.67 -9.07 28.89
C LYS A 474 1.99 -7.76 29.29
N ALA A 475 1.24 -7.75 30.41
CA ALA A 475 0.38 -6.64 30.84
C ALA A 475 1.18 -5.42 31.31
N THR A 476 1.76 -5.57 32.51
CA THR A 476 2.90 -4.86 33.12
C THR A 476 3.65 -3.87 32.23
N LEU A 477 4.19 -4.29 31.08
CA LEU A 477 5.23 -3.52 30.41
C LEU A 477 5.15 -3.75 28.91
N PRO A 478 5.15 -2.70 28.04
CA PRO A 478 5.13 -2.89 26.58
C PRO A 478 5.93 -4.09 26.04
N LEU A 479 7.27 -4.12 26.21
CA LEU A 479 8.11 -5.19 25.65
C LEU A 479 7.59 -5.66 24.27
N UNK B 1 -32.42 5.99 0.60
CA UNK B 1 -32.47 7.02 1.69
C UNK B 1 -32.08 8.38 1.12
N UNK B 2 -32.07 9.40 1.99
CA UNK B 2 -31.84 10.78 1.59
C UNK B 2 -31.10 10.82 0.25
N UNK B 3 -31.85 11.06 -0.84
CA UNK B 3 -31.27 11.30 -2.16
C UNK B 3 -31.67 12.69 -2.64
N UNK B 4 -30.71 13.42 -3.24
CA UNK B 4 -30.90 14.82 -3.62
C UNK B 4 -30.22 15.12 -4.96
N UNK B 5 -30.92 15.87 -5.82
CA UNK B 5 -30.49 16.16 -7.19
C UNK B 5 -31.63 16.80 -7.99
MN MN C . -5.81 -5.18 -12.83
C9 4LU D . -0.66 2.25 -5.42
C8 4LU D . -0.92 2.56 -4.09
C7 4LU D . -0.99 3.91 -3.67
C10 4LU D . -0.54 3.93 -8.75
C6 4LU D . -0.87 4.95 -4.63
N3 4LU D . -0.78 5.95 -10.62
C2 4LU D . -0.58 4.67 -11.05
C13 4LU D . -2.44 6.94 -4.28
C5 4LU D . -0.98 6.46 -4.27
C1 4LU D . -0.84 6.93 -6.64
O2 4LU D . -0.50 4.44 -12.25
N1 4LU D . -0.48 3.68 -10.10
C4 4LU D . -0.79 6.34 -9.30
O4 4LU D . -1.05 7.50 -8.98
C4A 4LU D . -0.68 5.26 -8.33
N5 4LU D . -0.73 5.60 -6.99
C3 4LU D . -0.18 7.24 -5.34
C12 4LU D . -0.32 6.84 -2.94
C5A 4LU D . -0.73 4.60 -5.99
C7M 4LU D . -1.17 4.22 -2.20
C8M 4LU D . -1.01 1.43 -3.09
C9A 4LU D . -0.63 3.24 -6.40
N10 4LU D . -0.48 2.90 -7.77
C1' 4LU D . -0.30 1.49 -8.18
C2' 4LU D . -1.56 0.62 -8.22
O2' 4LU D . -2.21 0.73 -7.00
C3' 4LU D . -1.21 -0.87 -8.40
O3' 4LU D . 0.00 -1.03 -9.12
C4' 4LU D . -2.30 -1.62 -9.17
O4' 4LU D . -2.13 -3.03 -9.01
C5' 4LU D . -2.32 -1.29 -10.64
O5' 4LU D . -3.71 -1.31 -11.04
P 4LU D . -4.08 -2.14 -12.34
O2P 4LU D . -5.52 -2.60 -12.30
O3P 4LU D . -3.15 -3.33 -12.19
O1P 4LU D . -3.80 -1.26 -13.55
NA NA E . -4.97 -3.75 -9.50
#